data_1I3H
#
_entry.id   1I3H
#
_cell.length_a   90.900
_cell.length_b   86.410
_cell.length_c   65.420
_cell.angle_alpha   90.00
_cell.angle_beta   90.00
_cell.angle_gamma   90.00
#
_symmetry.space_group_name_H-M   'I 2 2 2'
#
loop_
_entity.id
_entity.type
_entity.pdbx_description
1 polymer Concanavalin-A
2 branched alpha-D-mannopyranose-(1-2)-alpha-D-mannopyranose
3 non-polymer 'MANGANESE (II) ION'
4 non-polymer 'CALCIUM ION'
5 water water
#
_entity_poly.entity_id   1
_entity_poly.type   'polypeptide(L)'
_entity_poly.pdbx_seq_one_letter_code
;ADTIVAVELDTYPNTDIGDPSYPHIGIDIKSVRSKKTAKWNMQNGKVGTAHIIYNSVDKRLSAVVSYPNADSATVSYDVD
LDNVLPEWVRVGLSASTGLYKETNTILSWSFTSKLKSNSTHETNALHFMFNQFSKDQKDLILQGDATTGTDGNLELTRVS
SNGSPQGSSVGRALFYAPVHIWESSAVVASFEATFTFLIKSPDSHPADGIAFFISNIDSSIPSGSTGRLLGLFPDAN
;
_entity_poly.pdbx_strand_id   A
#
loop_
_chem_comp.id
_chem_comp.type
_chem_comp.name
_chem_comp.formula
CA non-polymer 'CALCIUM ION' 'Ca 2'
MAN D-saccharide, alpha linking alpha-D-mannopyranose 'C6 H12 O6'
MN non-polymer 'MANGANESE (II) ION' 'Mn 2'
#
# COMPACT_ATOMS: atom_id res chain seq x y z
N ALA A 1 -12.73 -1.62 -15.15
CA ALA A 1 -11.42 -1.65 -14.44
C ALA A 1 -11.63 -1.95 -12.99
N ASP A 2 -10.56 -2.28 -12.28
CA ASP A 2 -10.62 -2.41 -10.83
C ASP A 2 -11.02 -1.10 -10.20
N THR A 3 -11.40 -1.19 -8.92
CA THR A 3 -11.65 -0.03 -8.06
C THR A 3 -10.58 -0.04 -6.98
N ILE A 4 -9.83 1.03 -6.90
CA ILE A 4 -8.67 1.09 -6.00
C ILE A 4 -8.72 2.29 -5.08
N VAL A 5 -8.47 2.05 -3.80
CA VAL A 5 -8.13 3.06 -2.83
C VAL A 5 -6.73 2.70 -2.36
N ALA A 6 -5.83 3.67 -2.25
CA ALA A 6 -4.45 3.37 -1.88
C ALA A 6 -3.78 4.51 -1.16
N VAL A 7 -2.77 4.14 -0.36
CA VAL A 7 -1.81 5.07 0.19
C VAL A 7 -0.52 4.78 -0.54
N GLU A 8 -0.02 5.76 -1.29
CA GLU A 8 1.22 5.61 -2.03
C GLU A 8 2.38 6.24 -1.25
N LEU A 9 3.50 5.52 -1.27
CA LEU A 9 4.81 5.98 -0.85
C LEU A 9 5.57 6.14 -2.17
N ASP A 10 5.48 7.33 -2.74
CA ASP A 10 5.91 7.59 -4.12
C ASP A 10 7.29 8.21 -4.14
N THR A 11 8.28 7.41 -4.52
CA THR A 11 9.66 7.82 -4.46
C THR A 11 10.10 8.69 -5.61
N TYR A 12 9.35 8.68 -6.72
CA TYR A 12 9.82 9.34 -7.93
C TYR A 12 8.84 10.38 -8.42
N PRO A 13 9.32 11.61 -8.57
CA PRO A 13 8.43 12.69 -9.00
C PRO A 13 8.14 12.68 -10.50
N ASN A 14 6.97 12.22 -10.86
CA ASN A 14 6.51 12.25 -12.26
C ASN A 14 5.68 13.51 -12.45
N THR A 15 6.35 14.61 -12.70
CA THR A 15 5.64 15.90 -12.72
C THR A 15 4.70 16.00 -13.90
N ASP A 16 4.93 15.20 -14.94
CA ASP A 16 4.05 15.21 -16.09
C ASP A 16 2.71 14.55 -15.82
N ILE A 17 2.56 13.90 -14.69
CA ILE A 17 1.25 13.39 -14.28
C ILE A 17 0.85 13.96 -12.90
N GLY A 18 1.32 15.14 -12.56
CA GLY A 18 0.78 15.81 -11.38
C GLY A 18 1.46 15.51 -10.07
N ASP A 19 2.52 14.71 -10.08
CA ASP A 19 3.23 14.55 -8.83
C ASP A 19 3.90 15.86 -8.45
N PRO A 20 4.07 16.11 -7.15
CA PRO A 20 4.91 17.22 -6.76
C PRO A 20 6.37 16.90 -7.12
N SER A 21 7.24 17.91 -7.04
CA SER A 21 8.63 17.77 -7.45
C SER A 21 9.54 17.15 -6.40
N TYR A 22 9.00 16.30 -5.55
CA TYR A 22 9.79 15.66 -4.52
C TYR A 22 9.13 14.34 -4.20
N PRO A 23 9.88 13.40 -3.62
CA PRO A 23 9.25 12.18 -3.09
C PRO A 23 8.15 12.56 -2.11
N HIS A 24 7.08 11.77 -2.08
CA HIS A 24 5.87 12.17 -1.36
C HIS A 24 5.04 10.98 -0.99
N ILE A 25 4.20 11.18 0.03
CA ILE A 25 3.16 10.20 0.31
C ILE A 25 1.84 10.80 -0.19
N GLY A 26 0.89 9.92 -0.53
CA GLY A 26 -0.36 10.40 -1.10
C GLY A 26 -1.51 9.46 -0.85
N ILE A 27 -2.71 10.04 -0.87
N ILE A 27 -2.71 10.03 -0.87
CA ILE A 27 -3.94 9.30 -0.78
CA ILE A 27 -3.90 9.22 -0.82
C ILE A 27 -4.54 9.25 -2.21
C ILE A 27 -4.55 9.25 -2.21
N ASP A 28 -4.72 8.04 -2.74
CA ASP A 28 -5.20 7.82 -4.10
C ASP A 28 -6.61 7.21 -4.04
N ILE A 29 -7.59 7.92 -4.55
CA ILE A 29 -8.96 7.44 -4.59
C ILE A 29 -9.35 7.32 -6.04
N LYS A 30 -9.25 6.10 -6.58
CA LYS A 30 -9.65 5.77 -7.95
C LYS A 30 -8.82 6.48 -9.02
N SER A 31 -7.66 7.00 -8.68
CA SER A 31 -6.73 7.64 -9.61
C SER A 31 -5.33 7.68 -8.98
N VAL A 32 -4.33 7.56 -9.82
CA VAL A 32 -2.97 7.73 -9.39
C VAL A 32 -2.64 9.18 -9.03
N ARG A 33 -3.44 10.12 -9.55
CA ARG A 33 -3.27 11.53 -9.26
C ARG A 33 -3.86 11.77 -7.84
N SER A 34 -2.99 11.75 -6.84
CA SER A 34 -3.43 11.74 -5.47
C SER A 34 -4.37 12.87 -5.13
N LYS A 35 -5.36 12.58 -4.30
CA LYS A 35 -6.25 13.63 -3.79
C LYS A 35 -5.56 14.55 -2.77
N LYS A 36 -4.57 14.03 -2.07
CA LYS A 36 -3.78 14.80 -1.10
C LYS A 36 -2.41 14.21 -1.09
N THR A 37 -1.38 15.03 -0.93
CA THR A 37 0.00 14.56 -0.78
C THR A 37 0.67 15.28 0.36
N ALA A 38 1.80 14.72 0.78
CA ALA A 38 2.71 15.39 1.72
C ALA A 38 4.13 15.02 1.34
N LYS A 39 5.04 15.95 1.51
CA LYS A 39 6.45 15.72 1.28
C LYS A 39 6.97 14.60 2.14
N TRP A 40 7.79 13.73 1.55
CA TRP A 40 8.36 12.59 2.22
C TRP A 40 9.83 12.49 1.97
N ASN A 41 10.62 12.58 3.04
CA ASN A 41 12.05 12.47 2.94
C ASN A 41 12.42 10.97 3.03
N MET A 42 12.26 10.21 1.96
CA MET A 42 12.63 8.79 1.92
C MET A 42 14.11 8.68 2.15
N GLN A 43 14.51 7.72 2.97
CA GLN A 43 15.91 7.52 3.34
C GLN A 43 16.39 6.23 2.69
N ASN A 44 17.21 6.39 1.65
CA ASN A 44 17.73 5.26 0.88
C ASN A 44 18.51 4.32 1.78
N GLY A 45 18.08 3.05 1.84
CA GLY A 45 18.77 2.04 2.58
C GLY A 45 18.38 1.86 4.06
N LYS A 46 17.44 2.65 4.55
CA LYS A 46 16.97 2.58 5.92
C LYS A 46 15.61 1.89 5.98
N VAL A 47 15.27 1.33 7.13
CA VAL A 47 13.98 0.68 7.31
C VAL A 47 12.94 1.71 7.77
N GLY A 48 11.88 1.86 6.99
CA GLY A 48 10.78 2.73 7.34
C GLY A 48 9.55 1.99 7.80
N THR A 49 8.64 2.74 8.43
CA THR A 49 7.37 2.22 8.89
C THR A 49 6.24 3.08 8.37
N ALA A 50 5.20 2.44 7.83
CA ALA A 50 4.00 3.10 7.39
C ALA A 50 2.82 2.62 8.21
N HIS A 51 1.98 3.55 8.66
N HIS A 51 1.94 3.53 8.59
CA HIS A 51 0.74 3.27 9.38
CA HIS A 51 0.78 3.20 9.35
C HIS A 51 -0.39 3.91 8.63
C HIS A 51 -0.44 3.94 8.77
N ILE A 52 -1.47 3.17 8.46
CA ILE A 52 -2.66 3.65 7.78
C ILE A 52 -3.88 3.36 8.65
N ILE A 53 -4.76 4.35 8.78
CA ILE A 53 -5.93 4.21 9.60
C ILE A 53 -7.16 4.81 8.97
N TYR A 54 -8.30 4.24 9.35
CA TYR A 54 -9.59 4.72 8.90
C TYR A 54 -10.68 4.24 9.82
N ASN A 55 -11.67 5.08 10.05
CA ASN A 55 -12.88 4.60 10.70
C ASN A 55 -14.09 5.30 10.10
N SER A 56 -15.24 4.65 10.24
CA SER A 56 -16.47 5.15 9.63
C SER A 56 -17.16 6.25 10.43
N VAL A 57 -16.69 6.53 11.64
CA VAL A 57 -17.26 7.64 12.41
C VAL A 57 -16.71 8.93 11.81
N ASP A 58 -15.42 9.02 11.67
CA ASP A 58 -14.76 10.20 11.20
C ASP A 58 -14.64 10.26 9.67
N LYS A 59 -14.66 9.10 9.03
CA LYS A 59 -14.58 9.06 7.56
C LYS A 59 -13.39 9.83 7.03
N ARG A 60 -12.24 9.44 7.56
N ARG A 60 -12.23 9.50 7.59
CA ARG A 60 -11.00 10.09 7.28
CA ARG A 60 -10.97 10.15 7.24
C ARG A 60 -9.92 9.03 7.09
C ARG A 60 -9.87 9.08 7.11
N LEU A 61 -9.30 8.99 5.92
CA LEU A 61 -8.22 8.04 5.67
C LEU A 61 -6.92 8.77 5.92
N SER A 62 -6.11 8.25 6.82
CA SER A 62 -4.89 8.91 7.22
C SER A 62 -3.71 7.94 7.17
N ALA A 63 -2.52 8.50 6.92
CA ALA A 63 -1.33 7.69 6.91
C ALA A 63 -0.16 8.48 7.51
N VAL A 64 0.73 7.75 8.16
N VAL A 64 0.73 7.75 8.16
CA VAL A 64 1.95 8.34 8.69
CA VAL A 64 1.96 8.32 8.71
C VAL A 64 3.10 7.39 8.36
C VAL A 64 3.11 7.40 8.37
N VAL A 65 4.18 7.96 7.85
CA VAL A 65 5.35 7.21 7.47
C VAL A 65 6.55 7.80 8.20
N SER A 66 7.35 6.92 8.81
CA SER A 66 8.47 7.35 9.65
C SER A 66 9.71 6.54 9.43
N TYR A 67 10.83 7.16 9.76
CA TYR A 67 12.12 6.55 9.91
C TYR A 67 12.62 6.98 11.31
N PRO A 68 13.43 6.15 11.95
CA PRO A 68 13.94 6.46 13.28
C PRO A 68 14.62 7.79 13.31
N ASN A 69 14.32 8.60 14.33
CA ASN A 69 14.99 9.89 14.55
C ASN A 69 14.71 11.04 13.63
N ALA A 70 13.80 10.81 12.69
CA ALA A 70 13.44 11.89 11.77
C ALA A 70 11.99 12.24 11.95
N ASP A 71 11.62 13.39 11.42
CA ASP A 71 10.24 13.82 11.33
C ASP A 71 9.45 12.79 10.49
N SER A 72 8.22 12.57 10.85
N SER A 72 8.20 12.58 10.84
CA SER A 72 7.36 11.74 10.04
CA SER A 72 7.35 11.75 10.00
C SER A 72 6.72 12.56 8.93
C SER A 72 6.71 12.57 8.93
N ALA A 73 6.12 11.86 7.97
CA ALA A 73 5.31 12.45 6.90
C ALA A 73 3.91 11.93 7.16
N THR A 74 2.94 12.81 7.15
CA THR A 74 1.54 12.47 7.39
C THR A 74 0.64 13.06 6.34
N VAL A 75 -0.36 12.29 5.92
CA VAL A 75 -1.34 12.80 4.97
C VAL A 75 -2.70 12.24 5.36
N SER A 76 -3.73 13.03 5.13
CA SER A 76 -5.09 12.66 5.48
C SER A 76 -6.05 13.17 4.41
N TYR A 77 -7.14 12.44 4.23
CA TYR A 77 -8.16 12.85 3.27
C TYR A 77 -9.54 12.40 3.75
N ASP A 78 -10.49 13.31 3.73
CA ASP A 78 -11.85 12.96 4.12
C ASP A 78 -12.53 12.25 2.95
N VAL A 79 -12.90 11.02 3.22
CA VAL A 79 -13.57 10.18 2.21
C VAL A 79 -14.40 9.15 2.94
N ASP A 80 -15.61 8.93 2.44
CA ASP A 80 -16.47 7.87 2.97
C ASP A 80 -16.28 6.66 2.07
N LEU A 81 -15.63 5.63 2.59
CA LEU A 81 -15.33 4.47 1.74
C LEU A 81 -16.57 3.72 1.25
N ASP A 82 -17.71 3.89 1.91
CA ASP A 82 -18.98 3.35 1.40
C ASP A 82 -19.28 3.86 0.01
N ASN A 83 -18.84 5.08 -0.29
CA ASN A 83 -19.07 5.73 -1.58
C ASN A 83 -18.02 5.38 -2.62
N VAL A 84 -17.03 4.58 -2.28
CA VAL A 84 -15.98 4.28 -3.21
C VAL A 84 -15.77 2.80 -3.46
N LEU A 85 -15.75 2.00 -2.42
CA LEU A 85 -15.41 0.60 -2.53
C LEU A 85 -16.62 -0.31 -2.45
N PRO A 86 -16.51 -1.52 -2.98
CA PRO A 86 -17.55 -2.48 -2.73
C PRO A 86 -17.47 -2.89 -1.25
N GLU A 87 -18.52 -3.50 -0.76
CA GLU A 87 -18.64 -3.94 0.63
C GLU A 87 -17.53 -4.92 1.06
N TRP A 88 -17.22 -5.85 0.15
CA TRP A 88 -16.17 -6.83 0.31
C TRP A 88 -15.03 -6.48 -0.60
N VAL A 89 -13.82 -6.57 -0.07
CA VAL A 89 -12.60 -6.15 -0.77
C VAL A 89 -11.47 -7.13 -0.49
N ARG A 90 -10.37 -6.97 -1.19
CA ARG A 90 -9.08 -7.53 -0.71
C ARG A 90 -8.19 -6.35 -0.38
N VAL A 91 -7.20 -6.62 0.48
CA VAL A 91 -6.19 -5.65 0.87
C VAL A 91 -4.83 -6.18 0.43
N GLY A 92 -3.94 -5.28 0.09
CA GLY A 92 -2.65 -5.68 -0.44
C GLY A 92 -1.59 -4.61 -0.39
N LEU A 93 -0.42 -5.03 -0.82
CA LEU A 93 0.74 -4.18 -1.03
C LEU A 93 1.16 -4.30 -2.50
N SER A 94 1.56 -3.18 -3.06
CA SER A 94 2.01 -3.10 -4.46
C SER A 94 3.25 -2.28 -4.56
N ALA A 95 4.08 -2.55 -5.58
CA ALA A 95 5.23 -1.72 -5.82
C ALA A 95 5.68 -1.86 -7.26
N SER A 96 6.48 -0.91 -7.70
N SER A 96 6.48 -0.91 -7.70
CA SER A 96 6.95 -0.89 -9.08
CA SER A 96 7.00 -0.96 -9.05
C SER A 96 8.31 -0.21 -9.19
C SER A 96 8.31 -0.20 -9.19
N THR A 97 8.97 -0.44 -10.32
CA THR A 97 10.18 0.24 -10.74
C THR A 97 9.96 0.54 -12.28
N GLY A 98 10.78 1.41 -12.84
CA GLY A 98 10.62 1.90 -14.21
C GLY A 98 12.00 1.99 -14.85
N LEU A 99 12.31 3.15 -15.39
CA LEU A 99 13.67 3.45 -15.82
C LEU A 99 14.59 3.45 -14.60
N TYR A 100 14.11 4.08 -13.51
CA TYR A 100 14.87 4.06 -12.27
C TYR A 100 14.26 2.99 -11.35
N LYS A 101 15.00 2.62 -10.29
CA LYS A 101 14.69 1.42 -9.58
C LYS A 101 15.06 1.49 -8.11
N GLU A 102 14.62 0.48 -7.37
CA GLU A 102 14.84 0.41 -5.92
C GLU A 102 14.38 -0.96 -5.48
N THR A 103 14.89 -1.46 -4.36
CA THR A 103 14.25 -2.60 -3.74
C THR A 103 12.93 -2.13 -3.15
N ASN A 104 11.93 -2.99 -3.21
CA ASN A 104 10.65 -2.75 -2.59
C ASN A 104 10.37 -3.86 -1.59
N THR A 105 11.23 -3.92 -0.57
CA THR A 105 11.31 -5.03 0.32
C THR A 105 10.39 -4.78 1.54
N ILE A 106 9.47 -5.70 1.78
CA ILE A 106 8.55 -5.62 2.91
C ILE A 106 9.06 -6.57 3.97
N LEU A 107 9.35 -6.03 5.15
CA LEU A 107 9.87 -6.80 6.26
C LEU A 107 8.77 -7.28 7.19
N SER A 108 7.66 -6.56 7.23
CA SER A 108 6.52 -6.93 8.05
C SER A 108 5.28 -6.27 7.52
N TRP A 109 4.12 -6.89 7.77
CA TRP A 109 2.83 -6.32 7.36
C TRP A 109 1.77 -6.85 8.30
N SER A 110 1.03 -5.94 8.93
CA SER A 110 -0.12 -6.30 9.75
C SER A 110 -1.35 -5.50 9.30
N PHE A 111 -2.51 -6.05 9.59
CA PHE A 111 -3.77 -5.46 9.22
C PHE A 111 -4.83 -5.89 10.22
N THR A 112 -5.73 -4.97 10.60
CA THR A 112 -6.89 -5.31 11.37
C THR A 112 -8.09 -4.58 10.77
N SER A 113 -9.21 -5.28 10.65
N SER A 113 -9.22 -5.28 10.64
CA SER A 113 -10.48 -4.65 10.29
CA SER A 113 -10.48 -4.66 10.28
C SER A 113 -11.55 -5.13 11.26
C SER A 113 -11.52 -5.11 11.29
N LYS A 114 -12.44 -4.21 11.64
CA LYS A 114 -13.52 -4.49 12.55
C LYS A 114 -14.80 -3.96 11.94
N LEU A 115 -15.88 -4.66 12.16
CA LEU A 115 -17.19 -4.24 11.69
C LEU A 115 -18.17 -4.59 12.79
N LYS A 116 -18.86 -3.59 13.32
CA LYS A 116 -19.76 -3.74 14.48
C LYS A 116 -21.17 -3.34 14.13
N SER A 117 -22.12 -4.17 14.50
N SER A 117 -22.12 -4.17 14.49
CA SER A 117 -23.50 -3.81 14.24
CA SER A 117 -23.50 -3.78 14.23
C SER A 117 -24.09 -3.24 15.53
C SER A 117 -24.08 -3.23 15.52
N ASN A 118 -25.37 -2.89 15.49
CA ASN A 118 -26.01 -2.36 16.71
C ASN A 118 -26.57 -3.47 17.55
N SER A 119 -26.44 -4.71 17.10
CA SER A 119 -26.86 -5.81 17.95
C SER A 119 -25.87 -5.72 19.10
N THR A 120 -26.24 -6.14 20.30
CA THR A 120 -25.31 -6.01 21.43
C THR A 120 -24.20 -7.07 21.36
N HIS A 121 -23.20 -6.04 21.21
CA HIS A 121 -21.77 -5.49 20.98
C HIS A 121 -21.28 -5.91 19.59
N GLU A 122 -21.78 -7.08 19.30
CA GLU A 122 -21.76 -8.01 18.17
C GLU A 122 -20.73 -7.58 17.13
N THR A 123 -19.45 -7.79 17.36
CA THR A 123 -18.48 -7.21 16.37
C THR A 123 -17.57 -8.24 15.84
N ASN A 124 -17.43 -8.13 14.55
CA ASN A 124 -16.62 -9.04 13.79
C ASN A 124 -15.26 -8.42 13.58
N ALA A 125 -14.24 -9.24 13.46
CA ALA A 125 -12.91 -8.73 13.25
C ALA A 125 -12.06 -9.71 12.45
N LEU A 126 -11.11 -9.16 11.71
CA LEU A 126 -10.04 -9.89 11.08
C LEU A 126 -8.73 -9.21 11.47
N HIS A 127 -7.73 -9.98 11.87
CA HIS A 127 -6.39 -9.47 12.13
C HIS A 127 -5.37 -10.45 11.55
N PHE A 128 -4.38 -9.94 10.84
CA PHE A 128 -3.24 -10.76 10.50
C PHE A 128 -1.97 -9.98 10.76
N MET A 129 -0.90 -10.74 10.93
N MET A 129 -0.90 -10.73 11.01
CA MET A 129 0.40 -10.18 11.23
CA MET A 129 0.44 -10.16 11.18
C MET A 129 1.46 -11.06 10.59
C MET A 129 1.44 -11.07 10.56
N PHE A 130 2.22 -10.52 9.64
CA PHE A 130 3.32 -11.23 9.02
C PHE A 130 4.60 -10.49 9.45
N ASN A 131 5.44 -11.14 10.20
CA ASN A 131 6.74 -10.61 10.56
C ASN A 131 7.84 -11.41 9.84
N GLN A 132 7.48 -12.55 9.27
CA GLN A 132 8.34 -13.42 8.49
C GLN A 132 7.47 -13.94 7.35
N PHE A 133 7.99 -13.90 6.14
CA PHE A 133 7.30 -14.40 4.97
C PHE A 133 8.01 -15.68 4.53
N SER A 134 7.26 -16.67 4.09
CA SER A 134 7.82 -17.93 3.72
C SER A 134 7.63 -18.20 2.26
N LYS A 135 8.35 -19.10 1.60
CA LYS A 135 7.81 -19.21 0.27
C LYS A 135 6.76 -20.26 0.32
N ASP A 136 6.04 -20.15 -0.72
CA ASP A 136 4.76 -20.77 -0.90
C ASP A 136 3.82 -20.47 0.27
N GLN A 137 3.70 -19.19 0.56
CA GLN A 137 2.90 -18.68 1.64
C GLN A 137 1.46 -18.57 1.16
N LYS A 138 0.71 -19.56 1.57
CA LYS A 138 -0.59 -19.81 0.99
C LYS A 138 -1.69 -18.84 1.37
N ASP A 139 -1.44 -17.99 2.36
CA ASP A 139 -2.40 -16.95 2.74
C ASP A 139 -2.15 -15.62 2.04
N LEU A 140 -1.22 -15.61 1.07
CA LEU A 140 -0.99 -14.48 0.21
C LEU A 140 -1.21 -14.88 -1.24
N ILE A 141 -1.76 -13.96 -2.00
CA ILE A 141 -1.86 -14.04 -3.46
C ILE A 141 -0.76 -13.14 -3.98
N LEU A 142 0.27 -13.71 -4.59
CA LEU A 142 1.35 -12.95 -5.19
C LEU A 142 1.04 -12.73 -6.66
N GLN A 143 1.25 -11.53 -7.11
CA GLN A 143 1.01 -11.13 -8.52
C GLN A 143 2.24 -10.50 -9.10
N GLY A 144 2.46 -10.70 -10.39
CA GLY A 144 3.58 -10.10 -11.06
C GLY A 144 4.88 -10.65 -10.57
N ASP A 145 5.81 -9.75 -10.28
CA ASP A 145 7.16 -10.13 -9.92
C ASP A 145 7.37 -10.39 -8.44
N ALA A 146 6.33 -10.30 -7.64
CA ALA A 146 6.50 -10.42 -6.17
C ALA A 146 6.89 -11.83 -5.80
N THR A 147 7.81 -11.97 -4.85
CA THR A 147 8.23 -13.24 -4.30
C THR A 147 8.34 -13.14 -2.79
N THR A 148 8.24 -14.28 -2.14
CA THR A 148 8.37 -14.36 -0.69
C THR A 148 9.34 -15.39 -0.28
N GLY A 149 9.95 -15.15 0.89
CA GLY A 149 10.83 -16.12 1.50
C GLY A 149 12.29 -15.74 1.50
N THR A 150 12.74 -14.96 0.53
CA THR A 150 14.17 -14.60 0.50
C THR A 150 14.51 -13.76 1.77
N ASP A 151 15.33 -14.39 2.62
CA ASP A 151 15.67 -13.84 3.93
C ASP A 151 14.42 -13.57 4.80
N GLY A 152 13.30 -14.27 4.56
CA GLY A 152 12.09 -14.04 5.32
C GLY A 152 11.30 -12.80 4.93
N ASN A 153 11.68 -12.18 3.83
CA ASN A 153 11.05 -10.94 3.39
C ASN A 153 10.16 -11.15 2.17
N LEU A 154 9.30 -10.19 1.95
CA LEU A 154 8.47 -10.11 0.75
C LEU A 154 9.12 -9.08 -0.18
N GLU A 155 9.58 -9.55 -1.35
CA GLU A 155 10.22 -8.67 -2.35
C GLU A 155 9.15 -8.39 -3.41
N LEU A 156 8.57 -7.21 -3.36
CA LEU A 156 7.45 -6.90 -4.25
C LEU A 156 7.92 -6.81 -5.71
N THR A 157 9.11 -6.28 -5.91
CA THR A 157 9.68 -6.17 -7.25
C THR A 157 10.97 -6.95 -7.37
N ARG A 158 11.41 -7.15 -8.62
CA ARG A 158 12.51 -8.06 -8.92
C ARG A 158 13.84 -7.56 -8.37
N VAL A 159 14.59 -8.47 -7.72
CA VAL A 159 15.94 -8.21 -7.23
C VAL A 159 16.78 -9.38 -7.70
N SER A 160 18.00 -9.08 -8.10
CA SER A 160 18.90 -10.12 -8.61
C SER A 160 19.41 -11.00 -7.47
N SER A 161 20.08 -12.08 -7.83
CA SER A 161 20.58 -12.99 -6.80
C SER A 161 21.39 -12.27 -5.71
N ASN A 162 22.07 -11.17 -6.02
CA ASN A 162 22.80 -10.43 -4.97
C ASN A 162 22.06 -9.22 -4.33
N GLY A 163 20.83 -8.97 -4.69
CA GLY A 163 20.13 -7.87 -4.04
C GLY A 163 20.11 -6.60 -4.87
N SER A 164 20.57 -6.67 -6.13
CA SER A 164 20.43 -5.51 -6.99
C SER A 164 19.01 -5.42 -7.54
N PRO A 165 18.35 -4.29 -7.28
CA PRO A 165 17.00 -4.12 -7.78
C PRO A 165 16.99 -3.91 -9.31
N GLN A 166 15.93 -4.36 -9.96
CA GLN A 166 15.80 -4.28 -11.42
C GLN A 166 14.73 -3.28 -11.81
N GLY A 167 14.93 -2.63 -12.95
CA GLY A 167 13.95 -1.74 -13.53
C GLY A 167 12.79 -2.47 -14.18
N SER A 168 11.80 -1.70 -14.57
CA SER A 168 10.63 -2.19 -15.26
C SER A 168 9.99 -3.39 -14.62
N SER A 169 9.82 -3.33 -13.29
CA SER A 169 9.25 -4.43 -12.51
C SER A 169 7.97 -3.97 -11.82
N VAL A 170 7.05 -4.90 -11.59
CA VAL A 170 5.83 -4.61 -10.84
C VAL A 170 5.42 -5.87 -10.13
N GLY A 171 4.96 -5.75 -8.87
CA GLY A 171 4.47 -6.91 -8.18
C GLY A 171 3.59 -6.53 -7.01
N ARG A 172 2.71 -7.45 -6.61
CA ARG A 172 1.77 -7.21 -5.51
C ARG A 172 1.59 -8.46 -4.69
N ALA A 173 1.14 -8.23 -3.44
CA ALA A 173 0.74 -9.30 -2.54
C ALA A 173 -0.58 -8.92 -1.90
N LEU A 174 -1.57 -9.79 -2.03
CA LEU A 174 -2.87 -9.57 -1.45
C LEU A 174 -3.15 -10.61 -0.39
N PHE A 175 -3.77 -10.21 0.74
CA PHE A 175 -4.18 -11.21 1.69
C PHE A 175 -5.28 -12.09 1.08
N TYR A 176 -5.25 -13.38 1.36
CA TYR A 176 -6.13 -14.31 0.64
C TYR A 176 -7.60 -14.11 0.96
N ALA A 177 -7.94 -13.90 2.22
CA ALA A 177 -9.36 -13.74 2.55
C ALA A 177 -9.91 -12.38 2.21
N PRO A 178 -11.08 -12.34 1.59
CA PRO A 178 -11.82 -11.07 1.48
C PRO A 178 -12.06 -10.46 2.86
N VAL A 179 -12.17 -9.14 2.87
CA VAL A 179 -12.39 -8.33 4.04
C VAL A 179 -13.70 -7.59 3.88
N HIS A 180 -14.51 -7.58 4.93
CA HIS A 180 -15.78 -6.86 4.92
C HIS A 180 -15.53 -5.46 5.48
N ILE A 181 -15.42 -4.48 4.57
CA ILE A 181 -14.94 -3.15 4.87
C ILE A 181 -16.06 -2.21 5.26
N TRP A 182 -17.30 -2.43 4.82
CA TRP A 182 -18.43 -1.66 5.26
C TRP A 182 -19.68 -2.50 5.13
N GLU A 183 -20.76 -2.11 5.79
CA GLU A 183 -22.04 -2.78 5.62
C GLU A 183 -23.16 -1.77 5.82
N SER A 184 -24.28 -1.95 5.15
CA SER A 184 -25.33 -0.96 5.13
C SER A 184 -25.79 -0.50 6.49
N SER A 185 -25.86 -1.44 7.43
CA SER A 185 -26.39 -1.17 8.74
C SER A 185 -25.34 -1.36 9.85
N ALA A 186 -24.07 -1.25 9.53
CA ALA A 186 -23.07 -1.33 10.59
C ALA A 186 -23.12 -0.04 11.42
N VAL A 187 -22.85 -0.13 12.73
CA VAL A 187 -22.74 1.04 13.58
C VAL A 187 -21.40 1.71 13.40
N VAL A 188 -20.33 0.91 13.37
CA VAL A 188 -18.99 1.39 13.20
C VAL A 188 -18.16 0.33 12.52
N ALA A 189 -17.25 0.81 11.69
CA ALA A 189 -16.29 -0.02 11.00
C ALA A 189 -14.96 0.72 11.04
N SER A 190 -13.87 -0.03 11.10
CA SER A 190 -12.57 0.56 11.12
C SER A 190 -11.55 -0.39 10.58
N PHE A 191 -10.45 0.17 10.13
CA PHE A 191 -9.30 -0.65 9.84
C PHE A 191 -8.01 0.08 10.14
N GLU A 192 -6.95 -0.71 10.25
CA GLU A 192 -5.62 -0.19 10.35
C GLU A 192 -4.66 -1.12 9.69
N ALA A 193 -3.62 -0.59 9.11
CA ALA A 193 -2.55 -1.39 8.55
C ALA A 193 -1.20 -0.78 8.94
N THR A 194 -0.20 -1.62 9.08
CA THR A 194 1.15 -1.18 9.33
C THR A 194 2.07 -2.07 8.50
N PHE A 195 3.10 -1.49 7.91
CA PHE A 195 4.13 -2.30 7.28
C PHE A 195 5.47 -1.63 7.46
N THR A 196 6.51 -2.45 7.46
CA THR A 196 7.87 -1.93 7.48
C THR A 196 8.53 -2.35 6.17
N PHE A 197 9.41 -1.48 5.70
CA PHE A 197 9.94 -1.59 4.37
C PHE A 197 11.36 -1.10 4.28
N LEU A 198 12.07 -1.61 3.27
N LEU A 198 12.07 -1.61 3.27
CA LEU A 198 13.44 -1.20 3.01
CA LEU A 198 13.45 -1.22 3.01
C LEU A 198 13.54 -0.91 1.51
C LEU A 198 13.57 -0.92 1.52
N ILE A 199 13.68 0.37 1.21
CA ILE A 199 13.86 0.85 -0.15
C ILE A 199 15.31 1.28 -0.27
N LYS A 200 16.05 0.55 -1.11
CA LYS A 200 17.46 0.79 -1.33
C LYS A 200 17.70 0.85 -2.83
N SER A 201 18.58 1.74 -3.24
CA SER A 201 18.86 1.89 -4.66
C SER A 201 20.20 2.42 -4.97
N PRO A 202 20.77 2.02 -6.12
CA PRO A 202 22.00 2.65 -6.61
C PRO A 202 21.76 3.98 -7.29
N ASP A 203 20.51 4.28 -7.61
CA ASP A 203 20.17 5.50 -8.34
C ASP A 203 20.07 6.70 -7.41
N SER A 204 20.45 7.86 -7.91
CA SER A 204 20.31 9.10 -7.12
C SER A 204 18.87 9.48 -6.97
N HIS A 205 18.02 9.00 -7.90
CA HIS A 205 16.59 9.24 -7.85
C HIS A 205 15.88 7.90 -7.97
N PRO A 206 15.78 7.19 -6.84
CA PRO A 206 15.12 5.88 -6.82
C PRO A 206 13.69 5.95 -7.36
N ALA A 207 13.15 4.82 -7.81
CA ALA A 207 11.80 4.79 -8.32
C ALA A 207 11.26 3.36 -8.18
N ASP A 208 9.95 3.15 -8.10
CA ASP A 208 8.86 4.14 -8.22
C ASP A 208 8.05 4.32 -6.94
N GLY A 209 8.01 3.29 -6.13
CA GLY A 209 7.33 3.38 -4.85
C GLY A 209 6.65 2.10 -4.43
N ILE A 210 6.02 2.19 -3.26
CA ILE A 210 5.23 1.15 -2.62
C ILE A 210 3.86 1.71 -2.29
N ALA A 211 2.83 0.90 -2.36
CA ALA A 211 1.50 1.34 -1.92
C ALA A 211 0.84 0.25 -1.10
N PHE A 212 0.06 0.67 -0.10
CA PHE A 212 -0.94 -0.19 0.49
C PHE A 212 -2.27 0.10 -0.21
N PHE A 213 -3.01 -0.92 -0.61
CA PHE A 213 -4.23 -0.70 -1.37
C PHE A 213 -5.35 -1.63 -0.96
N ILE A 214 -6.55 -1.18 -1.31
CA ILE A 214 -7.78 -1.88 -1.05
C ILE A 214 -8.51 -1.91 -2.40
N SER A 215 -9.00 -3.10 -2.79
CA SER A 215 -9.54 -3.26 -4.13
C SER A 215 -10.68 -4.22 -4.15
N ASN A 216 -11.38 -4.25 -5.28
CA ASN A 216 -12.28 -5.34 -5.56
C ASN A 216 -11.56 -6.66 -5.36
N ILE A 217 -12.28 -7.70 -4.96
CA ILE A 217 -11.67 -8.97 -4.61
C ILE A 217 -10.83 -9.59 -5.71
N ASP A 218 -11.29 -9.43 -6.94
CA ASP A 218 -10.65 -10.04 -8.09
C ASP A 218 -9.63 -9.15 -8.79
N SER A 219 -9.12 -8.16 -8.09
CA SER A 219 -8.15 -7.24 -8.67
C SER A 219 -6.88 -7.91 -9.12
N SER A 220 -6.36 -7.45 -10.26
CA SER A 220 -5.14 -7.92 -10.85
C SER A 220 -4.31 -6.74 -11.31
N ILE A 221 -3.02 -6.96 -11.53
CA ILE A 221 -2.15 -5.90 -12.01
C ILE A 221 -2.62 -5.38 -13.37
N PRO A 222 -2.93 -4.10 -13.51
CA PRO A 222 -3.34 -3.61 -14.84
C PRO A 222 -2.19 -3.69 -15.80
N SER A 223 -2.50 -4.06 -17.05
CA SER A 223 -1.49 -4.11 -18.09
C SER A 223 -0.64 -2.82 -18.18
N GLY A 224 0.68 -2.90 -18.20
CA GLY A 224 1.51 -1.73 -18.40
C GLY A 224 1.76 -0.88 -17.16
N SER A 225 1.32 -1.31 -15.97
CA SER A 225 1.36 -0.48 -14.76
C SER A 225 2.67 -0.53 -14.01
N THR A 226 3.78 -0.76 -14.72
CA THR A 226 5.10 -0.56 -14.12
C THR A 226 5.31 0.93 -13.91
N GLY A 227 6.42 1.29 -13.31
CA GLY A 227 6.77 2.66 -13.24
C GLY A 227 5.81 3.49 -12.44
N ARG A 228 5.42 4.63 -12.98
N ARG A 228 5.42 4.64 -12.99
CA ARG A 228 4.67 5.62 -12.24
CA ARG A 228 4.63 5.65 -12.30
C ARG A 228 3.28 5.19 -11.81
C ARG A 228 3.29 5.17 -11.80
N LEU A 229 2.75 4.11 -12.39
CA LEU A 229 1.42 3.64 -12.07
C LEU A 229 1.35 2.67 -10.91
N LEU A 230 2.52 2.29 -10.36
CA LEU A 230 2.65 1.62 -9.07
C LEU A 230 1.92 0.28 -9.00
N GLY A 231 1.66 -0.35 -10.17
CA GLY A 231 0.94 -1.60 -10.14
C GLY A 231 -0.54 -1.49 -9.84
N LEU A 232 -1.05 -0.27 -9.80
CA LEU A 232 -2.40 -0.02 -9.35
C LEU A 232 -3.41 0.41 -10.39
N PHE A 233 -2.96 1.17 -11.39
CA PHE A 233 -3.88 1.83 -12.32
C PHE A 233 -3.47 1.56 -13.74
N PRO A 234 -4.43 1.54 -14.66
CA PRO A 234 -4.10 1.29 -16.07
C PRO A 234 -3.59 2.51 -16.81
N ASP A 235 -3.82 3.67 -16.24
CA ASP A 235 -3.46 4.92 -16.87
C ASP A 235 -3.34 5.97 -15.79
N ALA A 236 -2.98 7.17 -16.18
CA ALA A 236 -2.78 8.27 -15.25
C ALA A 236 -4.00 9.20 -15.20
N ASN A 237 -5.18 8.72 -15.57
CA ASN A 237 -6.33 9.60 -15.51
C ASN A 237 -6.65 9.99 -14.06
C1 MAN B . 10.80 9.74 -16.96
C2 MAN B . 11.06 8.34 -17.39
C3 MAN B . 11.15 8.45 -18.92
C4 MAN B . 9.90 9.16 -19.50
C5 MAN B . 9.68 10.53 -18.81
C6 MAN B . 8.46 11.31 -19.25
O1 MAN B . 11.92 10.57 -16.96
O2 MAN B . 9.95 7.50 -17.07
O3 MAN B . 11.30 7.15 -19.47
O4 MAN B . 10.02 9.39 -20.92
O5 MAN B . 9.60 10.34 -17.39
O6 MAN B . 7.28 10.62 -18.96
C1 MAN B . 10.22 6.11 -16.81
C2 MAN B . 8.90 5.37 -16.71
C3 MAN B . 8.03 5.93 -15.58
C4 MAN B . 8.77 5.86 -14.24
C5 MAN B . 10.15 6.50 -14.36
C6 MAN B . 11.03 6.26 -13.14
O2 MAN B . 9.16 4.00 -16.49
O3 MAN B . 6.79 5.25 -15.48
O4 MAN B . 7.99 6.58 -13.28
O5 MAN B . 10.88 6.01 -15.50
O6 MAN B . 11.25 4.87 -12.95
MN MN C . 2.49 10.43 -6.64
CA CA D . 5.62 8.97 -9.03
#